data_6HV2
#
_entry.id   6HV2
#
_cell.length_a   68.928
_cell.length_b   68.928
_cell.length_c   133.563
_cell.angle_alpha   90.00
_cell.angle_beta   90.00
_cell.angle_gamma   120.00
#
_symmetry.space_group_name_H-M   'P 61 2 2'
#
loop_
_entity.id
_entity.type
_entity.pdbx_description
1 polymer 'Collagenase 3'
2 polymer 'Collagenase 3'
3 non-polymer 'ZINC ION'
4 non-polymer 'CALCIUM ION'
5 non-polymer GLYCEROL
6 water water
#
loop_
_entity_poly.entity_id
_entity_poly.type
_entity_poly.pdbx_seq_one_letter_code
_entity_poly.pdbx_strand_id
1 'polypeptide(L)'
;EYNVFPRTLKWSKMNLTYRIVNYTPDMTHSEVEKAFKKAFKVWSDVTPLNFTRLHDGIADIMISFGIKEHGDFYPFDGPS
GLLAHAFPPGPNYGGDAHFDDDETWTSSSKGYNLFLVAAHEFGHSLGLDHSKDPGALMFPIYTYTGKSHFMLPDDDVQGI
QSLYGPGD
;
A
2 'polypeptide(L)' IMISF B
#
# COMPACT_ATOMS: atom_id res chain seq x y z
N GLU A 1 -2.75 6.52 18.95
CA GLU A 1 -2.07 5.24 18.81
C GLU A 1 -0.55 5.32 18.76
N TYR A 2 0.07 4.18 18.44
CA TYR A 2 1.53 4.08 18.34
C TYR A 2 1.97 4.53 16.96
N ASN A 3 2.69 5.64 16.88
CA ASN A 3 3.14 6.16 15.60
C ASN A 3 4.65 6.27 15.58
N VAL A 4 5.17 6.52 14.39
CA VAL A 4 6.61 6.58 14.17
C VAL A 4 7.05 8.04 14.31
N ARG A 7 8.33 11.54 12.01
CA ARG A 7 8.57 10.82 10.77
C ARG A 7 9.71 11.47 9.99
N THR A 8 10.19 10.77 8.95
CA THR A 8 11.07 11.37 7.96
C THR A 8 10.29 11.60 6.67
N LEU A 9 10.82 12.48 5.82
CA LEU A 9 10.15 12.75 4.55
C LEU A 9 10.20 11.55 3.62
N LYS A 10 11.31 10.83 3.61
CA LYS A 10 11.49 9.76 2.63
C LYS A 10 12.55 8.81 3.14
N TRP A 11 12.64 7.66 2.46
CA TRP A 11 13.74 6.73 2.72
C TRP A 11 15.05 7.31 2.19
N SER A 12 16.12 7.10 2.96
CA SER A 12 17.45 7.57 2.57
C SER A 12 18.16 6.59 1.65
N LYS A 13 17.50 5.49 1.27
CA LYS A 13 18.03 4.53 0.34
C LYS A 13 16.99 4.25 -0.75
N MET A 14 17.46 3.75 -1.88
CA MET A 14 16.60 3.47 -3.02
C MET A 14 16.18 2.00 -3.11
N ASN A 15 16.85 1.12 -2.38
CA ASN A 15 16.56 -0.31 -2.40
C ASN A 15 15.92 -0.70 -1.08
N LEU A 16 14.66 -1.14 -1.15
CA LEU A 16 13.86 -1.44 0.03
C LEU A 16 13.43 -2.91 0.00
N THR A 17 13.24 -3.46 1.19
CA THR A 17 12.79 -4.83 1.35
C THR A 17 11.37 -4.85 1.88
N TYR A 18 10.64 -5.92 1.56
CA TYR A 18 9.31 -6.11 2.10
C TYR A 18 9.12 -7.58 2.43
N ARG A 19 8.12 -7.86 3.25
CA ARG A 19 7.80 -9.23 3.63
C ARG A 19 6.30 -9.36 3.81
N ILE A 20 5.71 -10.40 3.23
CA ILE A 20 4.29 -10.70 3.38
C ILE A 20 4.18 -11.63 4.60
N VAL A 21 3.79 -11.05 5.74
CA VAL A 21 3.83 -11.79 7.01
C VAL A 21 2.79 -12.88 7.03
N ASN A 22 1.58 -12.58 6.56
CA ASN A 22 0.47 -13.52 6.60
C ASN A 22 -0.47 -13.22 5.44
N TYR A 23 -1.33 -14.19 5.14
CA TYR A 23 -2.14 -14.16 3.93
C TYR A 23 -3.63 -14.16 4.28
N THR A 24 -4.41 -13.39 3.51
CA THR A 24 -5.86 -13.44 3.71
C THR A 24 -6.43 -14.73 3.15
N PRO A 25 -7.43 -15.32 3.80
CA PRO A 25 -8.05 -16.53 3.25
C PRO A 25 -8.89 -16.27 2.02
N ASP A 26 -9.27 -15.02 1.76
CA ASP A 26 -10.10 -14.71 0.61
C ASP A 26 -9.39 -14.97 -0.71
N MET A 27 -8.06 -15.02 -0.70
CA MET A 27 -7.26 -15.16 -1.91
C MET A 27 -6.19 -16.22 -1.68
N THR A 28 -5.64 -16.71 -2.78
CA THR A 28 -4.57 -17.68 -2.70
C THR A 28 -3.24 -16.97 -2.46
N HIS A 29 -2.26 -17.73 -1.95
CA HIS A 29 -0.94 -17.17 -1.71
C HIS A 29 -0.37 -16.55 -2.99
N SER A 30 -0.60 -17.20 -4.14
CA SER A 30 -0.09 -16.69 -5.41
C SER A 30 -0.80 -15.39 -5.80
N GLU A 31 -2.12 -15.33 -5.60
CA GLU A 31 -2.85 -14.11 -5.91
C GLU A 31 -2.44 -12.96 -4.99
N VAL A 32 -2.27 -13.23 -3.70
CA VAL A 32 -1.83 -12.19 -2.78
C VAL A 32 -0.43 -11.69 -3.16
N GLU A 33 0.45 -12.62 -3.50
CA GLU A 33 1.82 -12.25 -3.86
C GLU A 33 1.84 -11.42 -5.15
N LYS A 34 1.00 -11.77 -6.11
CA LYS A 34 0.93 -11.02 -7.36
C LYS A 34 0.42 -9.60 -7.12
N ALA A 35 -0.66 -9.47 -6.34
CA ALA A 35 -1.22 -8.15 -6.06
C ALA A 35 -0.21 -7.22 -5.39
N PHE A 36 0.56 -7.74 -4.43
CA PHE A 36 1.54 -6.87 -3.80
C PHE A 36 2.71 -6.55 -4.74
N LYS A 37 3.10 -7.52 -5.58
CA LYS A 37 4.22 -7.31 -6.48
C LYS A 37 3.90 -6.24 -7.52
N LYS A 38 2.69 -6.29 -8.09
CA LYS A 38 2.23 -5.23 -8.99
C LYS A 38 2.14 -3.89 -8.28
N ALA A 39 1.74 -3.89 -7.01
CA ALA A 39 1.58 -2.64 -6.28
C ALA A 39 2.92 -1.93 -6.10
N PHE A 40 3.98 -2.68 -5.80
CA PHE A 40 5.31 -2.07 -5.78
C PHE A 40 5.76 -1.66 -7.18
N LYS A 41 5.37 -2.44 -8.20
CA LYS A 41 5.75 -2.10 -9.57
C LYS A 41 5.21 -0.74 -9.99
N VAL A 42 4.03 -0.36 -9.47
CA VAL A 42 3.46 0.94 -9.78
C VAL A 42 4.44 2.06 -9.46
N TRP A 43 5.19 1.91 -8.37
CA TRP A 43 6.09 2.95 -7.91
C TRP A 43 7.50 2.81 -8.46
N SER A 44 7.99 1.58 -8.64
CA SER A 44 9.32 1.38 -9.23
C SER A 44 9.35 1.64 -10.73
N ASP A 45 8.18 1.68 -11.38
CA ASP A 45 8.14 1.99 -12.81
C ASP A 45 8.51 3.44 -13.08
N VAL A 46 8.30 4.35 -12.11
CA VAL A 46 8.46 5.77 -12.33
C VAL A 46 9.49 6.40 -11.39
N THR A 47 10.24 5.58 -10.66
CA THR A 47 11.31 6.05 -9.78
C THR A 47 12.53 5.16 -9.94
N PRO A 48 13.65 5.46 -9.28
CA PRO A 48 14.75 4.49 -9.16
C PRO A 48 14.56 3.46 -8.06
N LEU A 49 13.41 3.47 -7.38
CA LEU A 49 13.18 2.56 -6.27
C LEU A 49 13.19 1.10 -6.73
N ASN A 50 13.73 0.24 -5.88
CA ASN A 50 13.70 -1.20 -6.10
C ASN A 50 13.18 -1.87 -4.84
N PHE A 51 12.40 -2.93 -5.01
CA PHE A 51 11.80 -3.65 -3.91
C PHE A 51 12.14 -5.13 -4.01
N THR A 52 12.67 -5.68 -2.92
CA THR A 52 13.10 -7.06 -2.84
C THR A 52 12.30 -7.78 -1.77
N ARG A 53 11.70 -8.91 -2.12
CA ARG A 53 10.82 -9.61 -1.19
C ARG A 53 11.63 -10.55 -0.32
N LEU A 54 11.40 -10.50 0.99
CA LEU A 54 12.01 -11.42 1.92
C LEU A 54 10.96 -12.44 2.38
N HIS A 55 11.44 -13.64 2.71
CA HIS A 55 10.55 -14.72 3.13
C HIS A 55 10.63 -15.02 4.61
N ASP A 56 11.56 -14.41 5.33
CA ASP A 56 11.61 -14.50 6.78
C ASP A 56 12.42 -13.32 7.29
N GLY A 57 12.37 -13.11 8.61
CA GLY A 57 13.05 -12.00 9.20
C GLY A 57 12.30 -10.69 9.03
N ILE A 58 13.01 -9.61 9.33
CA ILE A 58 12.42 -8.28 9.40
C ILE A 58 12.84 -7.49 8.17
N ALA A 59 11.85 -6.96 7.45
CA ALA A 59 12.07 -6.16 6.24
C ALA A 59 11.67 -4.72 6.50
N ASP A 60 12.04 -3.83 5.58
CA ASP A 60 11.64 -2.43 5.72
C ASP A 60 10.13 -2.29 5.79
N ILE A 61 9.42 -3.02 4.93
CA ILE A 61 7.97 -2.89 4.78
C ILE A 61 7.36 -4.22 5.16
N MET A 62 6.89 -4.34 6.39
CA MET A 62 6.20 -5.54 6.83
C MET A 62 4.72 -5.43 6.51
N ILE A 63 4.21 -6.38 5.74
CA ILE A 63 2.81 -6.42 5.28
C ILE A 63 2.08 -7.51 6.03
N SER A 64 0.92 -7.18 6.60
CA SER A 64 0.15 -8.15 7.36
C SER A 64 -1.34 -7.82 7.27
N PHE A 65 -2.16 -8.86 7.40
CA PHE A 65 -3.61 -8.73 7.48
C PHE A 65 -4.02 -8.91 8.93
N GLY A 66 -4.81 -7.97 9.45
CA GLY A 66 -5.27 -8.04 10.82
C GLY A 66 -6.71 -7.60 10.96
N ILE A 67 -7.30 -7.95 12.10
CA ILE A 67 -8.69 -7.58 12.39
C ILE A 67 -8.72 -6.81 13.71
N LYS A 68 -9.47 -5.71 13.72
CA LYS A 68 -9.71 -4.88 14.93
C LYS A 68 -8.35 -4.51 15.53
N GLU A 69 -8.12 -4.68 16.83
CA GLU A 69 -6.83 -4.32 17.40
C GLU A 69 -5.78 -5.34 16.97
N HIS A 70 -4.68 -4.83 16.38
CA HIS A 70 -3.69 -5.70 15.77
C HIS A 70 -2.25 -5.32 16.11
N GLY A 71 -2.03 -4.40 17.05
CA GLY A 71 -0.68 -4.17 17.52
C GLY A 71 -0.33 -2.72 17.78
N ASP A 72 -0.82 -1.83 16.93
CA ASP A 72 -0.44 -0.43 16.93
C ASP A 72 -1.48 0.48 17.58
N PHE A 73 -2.56 -0.07 18.13
CA PHE A 73 -3.60 0.73 18.77
C PHE A 73 -4.23 1.73 17.80
N TYR A 74 -4.15 1.44 16.50
CA TYR A 74 -5.05 2.03 15.50
C TYR A 74 -5.92 0.89 14.97
N PRO A 75 -6.92 0.46 15.72
CA PRO A 75 -7.64 -0.77 15.35
C PRO A 75 -8.51 -0.58 14.13
N PHE A 76 -8.74 -1.69 13.43
CA PHE A 76 -9.70 -1.73 12.34
C PHE A 76 -11.12 -1.82 12.90
N ASP A 77 -12.10 -1.70 12.00
CA ASP A 77 -13.48 -1.46 12.42
C ASP A 77 -14.46 -2.46 11.80
N GLY A 78 -13.97 -3.64 11.40
CA GLY A 78 -14.85 -4.64 10.83
C GLY A 78 -15.09 -4.41 9.35
N PRO A 79 -16.20 -4.92 8.84
CA PRO A 79 -16.46 -4.81 7.39
C PRO A 79 -16.66 -3.37 6.95
N SER A 80 -16.03 -3.04 5.81
CA SER A 80 -16.09 -1.72 5.20
C SER A 80 -15.45 -0.65 6.09
N GLY A 81 -15.77 0.61 5.83
CA GLY A 81 -15.12 1.71 6.53
C GLY A 81 -13.63 1.77 6.26
N LEU A 82 -12.82 1.75 7.33
CA LEU A 82 -11.37 1.66 7.20
C LEU A 82 -10.99 0.38 6.49
N LEU A 83 -10.19 0.49 5.43
CA LEU A 83 -9.80 -0.70 4.67
C LEU A 83 -8.38 -1.13 4.95
N ALA A 84 -7.49 -0.17 5.16
CA ALA A 84 -6.08 -0.43 5.37
C ALA A 84 -5.43 0.87 5.86
N HIS A 85 -4.18 0.76 6.28
CA HIS A 85 -3.36 1.95 6.51
C HIS A 85 -1.90 1.53 6.53
N ALA A 86 -1.02 2.53 6.53
CA ALA A 86 0.41 2.30 6.44
C ALA A 86 1.13 3.48 7.07
N PHE A 87 2.38 3.22 7.47
CA PHE A 87 3.15 4.20 8.21
C PHE A 87 4.23 4.85 7.33
N PRO A 88 4.55 6.11 7.60
CA PRO A 88 5.59 6.82 6.85
C PRO A 88 6.96 6.22 7.11
N PRO A 89 7.97 6.60 6.33
CA PRO A 89 9.29 5.97 6.46
C PRO A 89 9.88 6.12 7.85
N GLY A 90 10.56 5.06 8.29
CA GLY A 90 11.20 5.02 9.59
C GLY A 90 11.39 3.60 10.07
N PRO A 91 11.97 3.44 11.26
CA PRO A 91 12.22 2.09 11.79
C PRO A 91 10.95 1.47 12.35
N ASN A 92 11.04 0.15 12.60
CA ASN A 92 9.96 -0.62 13.21
C ASN A 92 8.68 -0.50 12.39
N TYR A 93 7.64 0.10 12.95
CA TYR A 93 6.38 0.23 12.21
C TYR A 93 6.51 1.09 10.96
N GLY A 94 7.47 2.01 10.92
CA GLY A 94 7.65 2.85 9.75
C GLY A 94 7.68 2.03 8.48
N GLY A 95 6.92 2.43 7.46
CA GLY A 95 6.83 1.69 6.23
C GLY A 95 5.85 0.54 6.22
N ASP A 96 5.41 0.04 7.38
CA ASP A 96 4.58 -1.15 7.39
C ASP A 96 3.18 -0.86 6.85
N ALA A 97 2.57 -1.89 6.24
CA ALA A 97 1.24 -1.82 5.65
C ALA A 97 0.33 -2.85 6.32
N HIS A 98 -0.82 -2.38 6.81
CA HIS A 98 -1.80 -3.23 7.47
C HIS A 98 -3.09 -3.22 6.66
N PHE A 99 -3.65 -4.41 6.43
CA PHE A 99 -4.90 -4.55 5.68
C PHE A 99 -5.93 -5.22 6.57
N ASP A 100 -7.15 -4.67 6.57
CA ASP A 100 -8.21 -5.16 7.43
C ASP A 100 -8.78 -6.44 6.85
N ASP A 101 -8.59 -7.56 7.55
CA ASP A 101 -9.02 -8.85 7.02
C ASP A 101 -10.49 -9.12 7.27
N ASP A 102 -11.21 -8.19 7.91
CA ASP A 102 -12.66 -8.27 7.90
C ASP A 102 -13.27 -7.89 6.54
N GLU A 103 -12.46 -7.35 5.63
CA GLU A 103 -12.91 -7.10 4.27
C GLU A 103 -12.71 -8.36 3.43
N THR A 104 -13.54 -8.48 2.39
CA THR A 104 -13.34 -9.51 1.39
C THR A 104 -12.35 -8.94 0.36
N TRP A 105 -11.15 -9.49 0.34
CA TRP A 105 -10.11 -9.06 -0.60
C TRP A 105 -10.16 -9.94 -1.85
N THR A 106 -10.14 -9.30 -3.01
CA THR A 106 -10.20 -10.02 -4.27
C THR A 106 -9.17 -9.47 -5.24
N SER A 107 -8.79 -10.30 -6.21
CA SER A 107 -7.95 -9.87 -7.32
C SER A 107 -8.78 -9.26 -8.44
N SER A 108 -10.10 -9.17 -8.30
CA SER A 108 -10.95 -8.65 -9.34
C SER A 108 -11.81 -7.49 -8.84
N SER A 109 -13.14 -7.68 -8.87
CA SER A 109 -14.08 -6.67 -8.42
C SER A 109 -15.10 -7.17 -7.41
N LYS A 110 -15.02 -8.44 -7.00
CA LYS A 110 -16.03 -9.01 -6.11
C LYS A 110 -16.12 -8.23 -4.80
N GLY A 111 -14.98 -7.86 -4.23
CA GLY A 111 -14.98 -7.13 -2.97
C GLY A 111 -14.17 -5.85 -3.03
N TYR A 112 -13.05 -5.81 -2.31
CA TYR A 112 -12.10 -4.71 -2.40
C TYR A 112 -10.84 -5.21 -3.11
N ASN A 113 -10.39 -4.45 -4.10
CA ASN A 113 -9.24 -4.87 -4.88
C ASN A 113 -7.97 -4.69 -4.05
N LEU A 114 -7.33 -5.79 -3.69
CA LEU A 114 -6.11 -5.72 -2.89
C LEU A 114 -5.02 -4.93 -3.59
N PHE A 115 -4.88 -5.09 -4.91
CA PHE A 115 -3.82 -4.40 -5.64
C PHE A 115 -3.96 -2.89 -5.52
N LEU A 116 -5.18 -2.37 -5.74
CA LEU A 116 -5.42 -0.93 -5.68
C LEU A 116 -5.09 -0.37 -4.30
N VAL A 117 -5.65 -0.99 -3.25
CA VAL A 117 -5.42 -0.50 -1.89
C VAL A 117 -3.95 -0.56 -1.52
N ALA A 118 -3.28 -1.65 -1.88
CA ALA A 118 -1.86 -1.78 -1.56
C ALA A 118 -1.03 -0.71 -2.27
N ALA A 119 -1.31 -0.48 -3.55
CA ALA A 119 -0.55 0.54 -4.29
C ALA A 119 -0.68 1.89 -3.61
N HIS A 120 -1.86 2.19 -3.07
CA HIS A 120 -2.08 3.44 -2.36
C HIS A 120 -1.28 3.47 -1.06
N GLU A 121 -1.38 2.40 -0.26
CA GLU A 121 -0.71 2.37 1.03
C GLU A 121 0.80 2.38 0.88
N PHE A 122 1.34 1.61 -0.07
CA PHE A 122 2.78 1.68 -0.34
C PHE A 122 3.21 3.09 -0.71
N GLY A 123 2.35 3.85 -1.38
CA GLY A 123 2.60 5.29 -1.49
C GLY A 123 2.96 5.92 -0.15
N HIS A 124 2.12 5.67 0.87
CA HIS A 124 2.41 6.21 2.21
C HIS A 124 3.71 5.63 2.76
N SER A 125 3.92 4.33 2.58
CA SER A 125 5.15 3.69 3.06
C SER A 125 6.40 4.35 2.49
N LEU A 126 6.27 5.05 1.37
CA LEU A 126 7.41 5.71 0.74
C LEU A 126 7.54 7.17 1.10
N GLY A 127 6.56 7.74 1.80
CA GLY A 127 6.59 9.13 2.19
C GLY A 127 5.47 10.00 1.62
N LEU A 128 4.54 9.46 0.82
CA LEU A 128 3.50 10.30 0.22
C LEU A 128 2.38 10.58 1.20
N ASP A 129 1.79 11.76 1.04
CA ASP A 129 0.57 12.17 1.72
C ASP A 129 -0.64 11.89 0.81
N HIS A 130 -1.83 12.19 1.31
CA HIS A 130 -3.02 12.04 0.49
C HIS A 130 -3.09 13.15 -0.55
N SER A 131 -3.72 12.84 -1.68
CA SER A 131 -3.88 13.82 -2.75
C SER A 131 -5.16 14.64 -2.58
N LYS A 132 -5.09 15.92 -2.93
CA LYS A 132 -6.29 16.72 -2.99
C LYS A 132 -7.14 16.41 -4.22
N ASP A 133 -6.66 15.52 -5.10
CA ASP A 133 -7.35 15.18 -6.34
C ASP A 133 -8.13 13.91 -6.14
N PRO A 134 -9.46 13.93 -6.25
CA PRO A 134 -10.24 12.68 -6.11
C PRO A 134 -9.89 11.61 -7.14
N GLY A 135 -9.21 11.95 -8.22
CA GLY A 135 -8.83 10.97 -9.21
C GLY A 135 -7.44 10.41 -9.05
N ALA A 136 -6.68 10.91 -8.08
CA ALA A 136 -5.33 10.41 -7.84
C ALA A 136 -5.40 9.11 -7.02
N LEU A 137 -4.42 8.24 -7.26
CA LEU A 137 -4.32 7.03 -6.46
C LEU A 137 -4.28 7.35 -4.97
N MET A 138 -3.55 8.40 -4.59
CA MET A 138 -3.37 8.71 -3.17
C MET A 138 -4.58 9.42 -2.55
N PHE A 139 -5.71 9.52 -3.25
CA PHE A 139 -6.92 10.02 -2.61
C PHE A 139 -7.40 9.01 -1.56
N PRO A 140 -7.83 9.47 -0.38
CA PRO A 140 -8.11 8.52 0.72
C PRO A 140 -9.39 7.71 0.56
N ILE A 141 -10.28 8.08 -0.36
CA ILE A 141 -11.54 7.35 -0.55
C ILE A 141 -11.32 6.27 -1.60
N TYR A 142 -11.75 5.04 -1.29
CA TYR A 142 -11.55 3.93 -2.21
C TYR A 142 -12.51 4.04 -3.39
N THR A 143 -11.98 4.11 -4.61
CA THR A 143 -12.83 4.07 -5.81
C THR A 143 -12.34 2.99 -6.75
N TYR A 144 -13.27 2.13 -7.18
N TYR A 144 -13.26 2.12 -7.17
CA TYR A 144 -12.96 1.06 -8.10
CA TYR A 144 -12.92 1.05 -8.09
C TYR A 144 -13.00 1.57 -9.54
C TYR A 144 -13.00 1.56 -9.52
N THR A 145 -12.01 1.18 -10.33
CA THR A 145 -11.85 1.70 -11.68
C THR A 145 -12.57 0.86 -12.74
N GLY A 146 -12.55 -0.46 -12.60
CA GLY A 146 -13.14 -1.32 -13.60
C GLY A 146 -12.32 -1.48 -14.86
N LYS A 147 -11.06 -1.09 -14.84
CA LYS A 147 -10.21 -1.19 -16.02
C LYS A 147 -9.35 -2.45 -15.95
N SER A 148 -9.03 -2.99 -17.13
CA SER A 148 -8.16 -4.15 -17.29
C SER A 148 -6.69 -3.79 -17.24
N HIS A 149 -6.37 -2.68 -16.58
CA HIS A 149 -5.03 -2.12 -16.51
C HIS A 149 -5.08 -0.95 -15.54
N PHE A 150 -3.92 -0.53 -15.09
CA PHE A 150 -3.83 0.60 -14.18
C PHE A 150 -2.81 1.57 -14.72
N MET A 151 -3.21 2.84 -14.82
N MET A 151 -3.17 2.85 -14.78
CA MET A 151 -2.32 3.94 -15.17
CA MET A 151 -2.23 3.87 -15.18
C MET A 151 -2.16 4.80 -13.92
C MET A 151 -2.12 4.88 -14.05
N LEU A 152 -0.93 5.00 -13.50
CA LEU A 152 -0.67 5.84 -12.34
C LEU A 152 -0.91 7.31 -12.70
N PRO A 153 -1.85 7.99 -12.06
CA PRO A 153 -2.13 9.39 -12.43
C PRO A 153 -0.92 10.28 -12.26
N ASP A 154 -0.96 11.42 -12.97
CA ASP A 154 0.16 12.34 -12.99
CA ASP A 154 0.16 12.34 -12.99
C ASP A 154 0.40 12.97 -11.63
N ASP A 155 -0.67 13.26 -10.87
CA ASP A 155 -0.49 13.83 -9.55
C ASP A 155 0.36 12.92 -8.68
N ASP A 156 0.14 11.60 -8.82
CA ASP A 156 0.91 10.64 -8.02
C ASP A 156 2.35 10.52 -8.51
N VAL A 157 2.56 10.59 -9.83
CA VAL A 157 3.93 10.53 -10.35
C VAL A 157 4.75 11.72 -9.85
N GLN A 158 4.19 12.93 -9.96
CA GLN A 158 4.91 14.12 -9.52
C GLN A 158 5.26 14.03 -8.04
N GLY A 159 4.32 13.54 -7.23
CA GLY A 159 4.59 13.41 -5.80
C GLY A 159 5.74 12.48 -5.52
N ILE A 160 5.72 11.29 -6.11
CA ILE A 160 6.77 10.33 -5.79
C ILE A 160 8.08 10.75 -6.44
N GLN A 161 8.03 11.44 -7.57
CA GLN A 161 9.28 11.89 -8.20
C GLN A 161 9.87 13.10 -7.49
N SER A 162 9.05 13.88 -6.77
CA SER A 162 9.61 14.95 -5.95
C SER A 162 10.44 14.38 -4.80
N LEU A 163 10.22 13.14 -4.42
CA LEU A 163 10.99 12.51 -3.35
C LEU A 163 12.21 11.75 -3.90
N TYR A 164 12.02 10.92 -4.92
CA TYR A 164 13.07 10.00 -5.35
C TYR A 164 13.56 10.25 -6.77
N GLY A 165 12.96 11.18 -7.51
CA GLY A 165 13.37 11.42 -8.87
C GLY A 165 12.74 10.42 -9.84
N PRO A 166 12.98 10.62 -11.13
CA PRO A 166 12.33 9.81 -12.16
C PRO A 166 13.03 8.47 -12.38
N GLY A 167 12.36 7.61 -13.13
CA GLY A 167 12.87 6.31 -13.49
C GLY A 167 13.42 6.25 -14.90
N ASP A 168 13.30 5.07 -15.51
CA ASP A 168 13.83 4.77 -16.84
C ASP A 168 13.57 5.87 -17.86
N ILE B 1 -3.97 5.38 4.16
CA ILE B 1 -5.33 5.26 4.69
C ILE B 1 -6.31 5.16 3.54
N MET B 2 -7.11 4.10 3.53
CA MET B 2 -8.16 3.89 2.54
C MET B 2 -9.48 3.68 3.28
N ILE B 3 -10.53 4.34 2.79
CA ILE B 3 -11.85 4.37 3.42
C ILE B 3 -12.89 4.13 2.34
N SER B 4 -13.93 3.36 2.67
CA SER B 4 -15.05 3.08 1.78
C SER B 4 -16.35 3.61 2.37
N PHE B 5 -17.39 3.65 1.52
CA PHE B 5 -18.70 4.18 1.89
C PHE B 5 -18.60 5.63 2.36
#